data_6IER
#
_entry.id   6IER
#
_cell.length_a   122.990
_cell.length_b   122.990
_cell.length_c   48.760
_cell.angle_alpha   90.00
_cell.angle_beta   90.00
_cell.angle_gamma   120.00
#
_symmetry.space_group_name_H-M   'P 62'
#
loop_
_entity.id
_entity.type
_entity.pdbx_description
1 polymer 'beta-glucosidase 1317'
2 non-polymer 2-AMINO-2-HYDROXYMETHYL-PROPANE-1,3-DIOL
3 water water
#
_entity_poly.entity_id   1
_entity_poly.type   'polypeptide(L)'
_entity_poly.pdbx_seq_one_letter_code
;MTRVSRRGLLAVGAATGGAVVATGTARADITARSGFLWGSAGAAYQIEGGNVASDLWVVEHVQPTIFREASGDAVDAYHR
VFDDIALAASLGFNAHRFSIEWSRIEPEKGQISLAAIAYYRRVLEAIRSHGMTPVVTLHHFTSPRWFAAAGGFETRDGIE
PFVRYAEIVSRHLGDLFGVVATFNEPNLGGLMSWGSLSKQIRPIVQASRASAARAVNSDKFAPLVLGDFRIQTPIIIEAH
ERAYDVIRRETGGRTPVGLTIAVNDERAGTPDAGLDAKLEDAVLPWVRARGDFIGVQNYTYALVGKDADLPNPEGVELTQ
MNYPFAPEALEGAIRLVARHTDKPIYVTENGVATEDDARRVAFIDRAVPAVFACMRDGIDVRGYIHWSFLDNWEWFAGFG
PKFGLVAVDRTTFERTPKPSAAHLGRLARAGLPGDLRPLEHHHHHH
;
_entity_poly.pdbx_strand_id   A
#
# COMPACT_ATOMS: atom_id res chain seq x y z
N GLY A 35 -5.84 17.83 -12.30
CA GLY A 35 -5.57 18.57 -11.09
C GLY A 35 -5.17 17.68 -9.93
N PHE A 36 -4.93 18.31 -8.78
CA PHE A 36 -4.52 17.61 -7.57
C PHE A 36 -5.54 16.53 -7.21
N LEU A 37 -5.05 15.37 -6.79
CA LEU A 37 -5.90 14.24 -6.46
C LEU A 37 -6.25 14.24 -4.98
N TRP A 38 -7.53 14.02 -4.70
CA TRP A 38 -8.04 13.89 -3.33
C TRP A 38 -8.78 12.57 -3.26
N GLY A 39 -8.20 11.58 -2.59
CA GLY A 39 -8.71 10.23 -2.65
C GLY A 39 -8.67 9.51 -1.33
N SER A 40 -9.24 8.30 -1.36
CA SER A 40 -9.13 7.32 -0.30
C SER A 40 -8.53 6.05 -0.90
N ALA A 41 -8.01 5.19 -0.03
CA ALA A 41 -7.27 4.02 -0.48
C ALA A 41 -7.81 2.75 0.14
N GLY A 42 -7.62 1.65 -0.59
CA GLY A 42 -7.85 0.32 -0.09
C GLY A 42 -6.93 -0.63 -0.81
N ALA A 43 -6.86 -1.86 -0.30
CA ALA A 43 -6.11 -2.93 -0.92
C ALA A 43 -7.00 -4.17 -0.98
N ALA A 44 -6.88 -4.93 -2.07
CA ALA A 44 -7.81 -6.01 -2.34
C ALA A 44 -7.86 -7.01 -1.18
N TYR A 45 -6.71 -7.51 -0.75
CA TYR A 45 -6.72 -8.53 0.30
C TYR A 45 -7.27 -8.00 1.61
N GLN A 46 -7.13 -6.70 1.86
CA GLN A 46 -7.57 -6.14 3.13
C GLN A 46 -9.07 -5.82 3.16
N ILE A 47 -9.73 -5.73 2.00
CA ILE A 47 -11.13 -5.29 2.00
C ILE A 47 -12.05 -6.26 1.27
N GLU A 48 -11.56 -6.96 0.26
CA GLU A 48 -12.45 -7.70 -0.64
C GLU A 48 -13.07 -8.90 0.05
N GLY A 49 -12.25 -9.71 0.71
CA GLY A 49 -12.71 -10.98 1.25
C GLY A 49 -12.62 -12.11 0.25
N GLY A 50 -12.52 -13.32 0.78
CA GLY A 50 -12.57 -14.52 -0.02
C GLY A 50 -11.41 -14.74 -0.97
N ASN A 51 -10.26 -14.12 -0.72
CA ASN A 51 -9.10 -14.24 -1.60
C ASN A 51 -8.33 -15.53 -1.31
N VAL A 52 -9.01 -16.65 -1.55
CA VAL A 52 -8.47 -17.96 -1.22
C VAL A 52 -7.26 -18.30 -2.08
N ALA A 53 -7.21 -17.78 -3.31
CA ALA A 53 -6.10 -18.09 -4.21
C ALA A 53 -4.81 -17.39 -3.84
N SER A 54 -4.83 -16.50 -2.85
CA SER A 54 -3.66 -15.70 -2.50
C SER A 54 -2.79 -16.43 -1.48
N ASP A 55 -1.47 -16.22 -1.58
CA ASP A 55 -0.50 -16.94 -0.75
C ASP A 55 -0.75 -16.74 0.74
N LEU A 56 -1.11 -15.52 1.13
CA LEU A 56 -1.31 -15.23 2.55
C LEU A 56 -2.45 -16.01 3.16
N TRP A 57 -3.35 -16.57 2.36
CA TRP A 57 -4.38 -17.45 2.92
C TRP A 57 -3.74 -18.72 3.51
N VAL A 58 -2.95 -19.41 2.69
CA VAL A 58 -2.14 -20.53 3.18
C VAL A 58 -1.38 -20.12 4.43
N VAL A 59 -0.71 -18.96 4.39
CA VAL A 59 0.04 -18.55 5.58
C VAL A 59 -0.90 -18.40 6.77
N GLU A 60 -2.08 -17.82 6.55
CA GLU A 60 -3.05 -17.61 7.61
C GLU A 60 -3.42 -18.90 8.32
N HIS A 61 -3.39 -20.03 7.62
CA HIS A 61 -3.91 -21.26 8.21
C HIS A 61 -2.87 -22.35 8.47
N VAL A 62 -1.69 -21.97 8.99
CA VAL A 62 -0.68 -22.95 9.39
C VAL A 62 -0.14 -22.59 10.77
N GLN A 63 0.77 -23.43 11.27
CA GLN A 63 1.44 -23.21 12.55
C GLN A 63 2.97 -23.24 12.40
N PRO A 64 3.69 -22.33 13.09
CA PRO A 64 3.07 -21.35 14.00
C PRO A 64 2.32 -20.25 13.26
N THR A 65 1.58 -19.45 14.02
CA THR A 65 0.71 -18.45 13.43
C THR A 65 1.28 -17.07 13.70
N ILE A 66 1.43 -16.27 12.64
CA ILE A 66 1.81 -14.87 12.78
C ILE A 66 0.62 -13.94 12.58
N PHE A 67 -0.50 -14.46 12.11
CA PHE A 67 -1.71 -13.69 11.88
C PHE A 67 -2.65 -13.86 13.08
N ARG A 68 -2.95 -12.73 13.73
CA ARG A 68 -3.92 -12.71 14.82
C ARG A 68 -5.22 -13.40 14.45
N GLU A 69 -5.61 -13.31 13.18
CA GLU A 69 -7.01 -13.44 12.80
C GLU A 69 -7.10 -13.63 11.30
N ALA A 70 -7.91 -14.59 10.86
CA ALA A 70 -8.05 -14.82 9.43
C ALA A 70 -8.65 -13.60 8.75
N SER A 71 -8.18 -13.31 7.54
CA SER A 71 -8.77 -12.21 6.78
C SER A 71 -10.21 -12.53 6.40
N GLY A 72 -10.49 -13.80 6.09
CA GLY A 72 -11.83 -14.27 5.80
C GLY A 72 -12.57 -13.43 4.78
N ASP A 73 -13.68 -12.83 5.20
CA ASP A 73 -14.49 -11.98 4.34
C ASP A 73 -14.02 -10.54 4.32
N ALA A 74 -12.99 -10.18 5.10
CA ALA A 74 -12.58 -8.79 5.25
C ALA A 74 -13.79 -7.92 5.55
N VAL A 75 -14.08 -6.96 4.69
CA VAL A 75 -15.29 -6.17 4.80
C VAL A 75 -16.18 -6.34 3.56
N ASP A 76 -16.00 -7.45 2.84
CA ASP A 76 -16.84 -7.83 1.71
C ASP A 76 -16.94 -6.72 0.66
N ALA A 77 -15.83 -6.03 0.43
CA ALA A 77 -15.80 -5.05 -0.64
C ALA A 77 -15.89 -5.69 -2.03
N TYR A 78 -15.71 -7.01 -2.13
CA TYR A 78 -15.92 -7.67 -3.42
C TYR A 78 -17.33 -7.44 -3.91
N HIS A 79 -18.30 -7.45 -3.01
CA HIS A 79 -19.69 -7.20 -3.33
CA HIS A 79 -19.69 -7.19 -3.35
C HIS A 79 -20.12 -5.75 -3.10
N ARG A 80 -19.50 -5.07 -2.14
CA ARG A 80 -19.88 -3.71 -1.76
C ARG A 80 -19.08 -2.63 -2.47
N VAL A 81 -18.20 -3.00 -3.40
CA VAL A 81 -17.26 -2.02 -3.96
C VAL A 81 -17.99 -0.90 -4.68
N PHE A 82 -19.09 -1.22 -5.36
CA PHE A 82 -19.78 -0.21 -6.15
C PHE A 82 -20.50 0.80 -5.24
N ASP A 83 -21.14 0.30 -4.17
CA ASP A 83 -21.65 1.19 -3.13
C ASP A 83 -20.53 2.07 -2.58
N ASP A 84 -19.37 1.48 -2.30
CA ASP A 84 -18.25 2.25 -1.76
C ASP A 84 -17.81 3.35 -2.73
N ILE A 85 -17.82 3.05 -4.03
CA ILE A 85 -17.40 4.03 -5.03
C ILE A 85 -18.40 5.19 -5.07
N ALA A 86 -19.70 4.87 -5.11
CA ALA A 86 -20.69 5.94 -5.09
C ALA A 86 -20.60 6.78 -3.82
N LEU A 87 -20.34 6.13 -2.68
CA LEU A 87 -20.22 6.85 -1.42
C LEU A 87 -18.99 7.74 -1.42
N ALA A 88 -17.88 7.26 -1.98
CA ALA A 88 -16.66 8.05 -2.05
C ALA A 88 -16.85 9.29 -2.92
N ALA A 89 -17.40 9.10 -4.12
CA ALA A 89 -17.72 10.24 -4.97
C ALA A 89 -18.65 11.22 -4.25
N SER A 90 -19.66 10.68 -3.56
CA SER A 90 -20.61 11.53 -2.85
C SER A 90 -19.94 12.32 -1.73
N LEU A 91 -18.88 11.77 -1.14
CA LEU A 91 -18.17 12.49 -0.10
C LEU A 91 -17.28 13.61 -0.66
N GLY A 92 -17.06 13.64 -1.97
CA GLY A 92 -16.32 14.72 -2.58
C GLY A 92 -14.93 14.36 -3.06
N PHE A 93 -14.52 13.10 -2.91
CA PHE A 93 -13.23 12.66 -3.41
C PHE A 93 -13.23 12.63 -4.93
N ASN A 94 -12.07 12.94 -5.53
CA ASN A 94 -11.91 12.86 -6.97
C ASN A 94 -11.00 11.72 -7.40
N ALA A 95 -10.50 10.92 -6.47
CA ALA A 95 -9.61 9.82 -6.78
C ALA A 95 -9.96 8.62 -5.91
N HIS A 96 -9.74 7.42 -6.45
CA HIS A 96 -10.10 6.19 -5.76
C HIS A 96 -8.96 5.19 -5.95
N ARG A 97 -8.21 4.93 -4.89
CA ARG A 97 -7.12 3.97 -4.95
C ARG A 97 -7.62 2.60 -4.56
N PHE A 98 -7.29 1.60 -5.38
CA PHE A 98 -7.64 0.22 -5.12
C PHE A 98 -6.58 -0.64 -5.80
N SER A 99 -6.48 -1.90 -5.36
CA SER A 99 -5.53 -2.81 -5.96
C SER A 99 -6.26 -3.89 -6.74
N ILE A 100 -5.64 -4.34 -7.81
CA ILE A 100 -6.10 -5.49 -8.57
C ILE A 100 -5.40 -6.72 -8.01
N GLU A 101 -6.18 -7.72 -7.59
CA GLU A 101 -5.63 -8.88 -6.90
C GLU A 101 -5.18 -9.91 -7.94
N TRP A 102 -3.86 -10.07 -8.07
CA TRP A 102 -3.31 -10.98 -9.08
C TRP A 102 -3.83 -12.39 -8.91
N SER A 103 -4.20 -12.78 -7.68
CA SER A 103 -4.63 -14.16 -7.45
C SER A 103 -6.01 -14.42 -8.04
N ARG A 104 -6.85 -13.37 -8.16
CA ARG A 104 -8.10 -13.53 -8.90
C ARG A 104 -7.84 -13.63 -10.40
N ILE A 105 -6.94 -12.81 -10.93
CA ILE A 105 -6.75 -12.78 -12.38
C ILE A 105 -6.08 -14.06 -12.85
N GLU A 106 -5.19 -14.64 -12.04
CA GLU A 106 -4.42 -15.82 -12.43
C GLU A 106 -4.34 -16.77 -11.24
N PRO A 107 -5.45 -17.44 -10.93
CA PRO A 107 -5.46 -18.34 -9.76
C PRO A 107 -4.45 -19.47 -9.85
N GLU A 108 -4.21 -19.98 -11.05
CA GLU A 108 -3.11 -20.91 -11.31
C GLU A 108 -2.27 -20.37 -12.46
N LYS A 109 -1.00 -20.76 -12.47
CA LYS A 109 -0.08 -20.27 -13.50
C LYS A 109 -0.61 -20.61 -14.89
N GLY A 110 -0.69 -19.59 -15.75
CA GLY A 110 -1.18 -19.76 -17.10
C GLY A 110 -2.68 -19.89 -17.25
N GLN A 111 -3.43 -19.77 -16.15
CA GLN A 111 -4.89 -19.87 -16.18
C GLN A 111 -5.47 -18.50 -15.84
N ILE A 112 -5.93 -17.79 -16.87
CA ILE A 112 -6.38 -16.41 -16.74
C ILE A 112 -7.89 -16.39 -16.54
N SER A 113 -8.33 -15.71 -15.49
CA SER A 113 -9.76 -15.55 -15.19
C SER A 113 -10.27 -14.33 -15.94
N LEU A 114 -10.99 -14.55 -17.04
CA LEU A 114 -11.63 -13.45 -17.74
C LEU A 114 -12.76 -12.84 -16.91
N ALA A 115 -13.36 -13.63 -16.02
CA ALA A 115 -14.41 -13.10 -15.15
C ALA A 115 -13.85 -12.08 -14.17
N ALA A 116 -12.65 -12.36 -13.63
CA ALA A 116 -12.03 -11.42 -12.70
C ALA A 116 -11.60 -10.15 -13.42
N ILE A 117 -11.07 -10.29 -14.64
CA ILE A 117 -10.71 -9.13 -15.45
C ILE A 117 -11.95 -8.27 -15.71
N ALA A 118 -13.06 -8.91 -16.07
CA ALA A 118 -14.30 -8.17 -16.32
C ALA A 118 -14.81 -7.51 -15.05
N TYR A 119 -14.68 -8.19 -13.91
CA TYR A 119 -15.09 -7.61 -12.63
C TYR A 119 -14.30 -6.34 -12.34
N TYR A 120 -12.98 -6.40 -12.49
CA TYR A 120 -12.17 -5.20 -12.24
C TYR A 120 -12.42 -4.13 -13.30
N ARG A 121 -12.86 -4.52 -14.50
CA ARG A 121 -13.26 -3.51 -15.48
C ARG A 121 -14.53 -2.81 -15.03
N ARG A 122 -15.46 -3.54 -14.43
CA ARG A 122 -16.65 -2.90 -13.89
C ARG A 122 -16.29 -1.97 -12.73
N VAL A 123 -15.31 -2.36 -11.92
CA VAL A 123 -14.83 -1.47 -10.86
C VAL A 123 -14.29 -0.17 -11.47
N LEU A 124 -13.41 -0.28 -12.46
CA LEU A 124 -12.82 0.90 -13.10
C LEU A 124 -13.90 1.79 -13.71
N GLU A 125 -14.81 1.18 -14.48
CA GLU A 125 -15.89 1.95 -15.09
C GLU A 125 -16.79 2.59 -14.06
N ALA A 126 -16.92 1.98 -12.88
CA ALA A 126 -17.70 2.60 -11.82
C ALA A 126 -16.98 3.80 -11.23
N ILE A 127 -15.65 3.72 -11.12
CA ILE A 127 -14.89 4.88 -10.67
C ILE A 127 -15.03 6.03 -11.67
N ARG A 128 -14.89 5.71 -12.96
CA ARG A 128 -15.03 6.74 -13.99
C ARG A 128 -16.44 7.32 -14.02
N SER A 129 -17.45 6.47 -13.83
CA SER A 129 -18.84 6.89 -13.90
C SER A 129 -19.16 7.95 -12.87
N HIS A 130 -18.47 7.92 -11.74
CA HIS A 130 -18.70 8.85 -10.64
C HIS A 130 -17.58 9.88 -10.54
N GLY A 131 -17.00 10.24 -11.69
CA GLY A 131 -16.13 11.39 -11.82
C GLY A 131 -14.79 11.30 -11.13
N MET A 132 -14.33 10.10 -10.80
CA MET A 132 -13.11 9.93 -10.03
C MET A 132 -11.99 9.36 -10.87
N THR A 133 -10.75 9.71 -10.51
CA THR A 133 -9.58 9.17 -11.16
C THR A 133 -9.21 7.84 -10.52
N PRO A 134 -9.20 6.73 -11.27
CA PRO A 134 -8.77 5.45 -10.69
C PRO A 134 -7.26 5.43 -10.45
N VAL A 135 -6.88 5.21 -9.20
CA VAL A 135 -5.48 4.99 -8.85
C VAL A 135 -5.33 3.52 -8.56
N VAL A 136 -4.65 2.80 -9.46
CA VAL A 136 -4.67 1.34 -9.49
C VAL A 136 -3.34 0.79 -8.99
N THR A 137 -3.40 -0.10 -8.01
CA THR A 137 -2.23 -0.83 -7.55
C THR A 137 -2.27 -2.23 -8.16
N LEU A 138 -1.22 -2.58 -8.89
CA LEU A 138 -1.19 -3.90 -9.53
C LEU A 138 -0.80 -5.00 -8.56
N HIS A 139 0.07 -4.71 -7.60
CA HIS A 139 0.55 -5.71 -6.64
C HIS A 139 0.58 -5.06 -5.27
N HIS A 140 -0.15 -5.65 -4.32
CA HIS A 140 -0.28 -5.13 -2.96
C HIS A 140 -0.05 -6.27 -1.99
N PHE A 141 1.22 -6.62 -1.80
CA PHE A 141 1.72 -7.56 -0.79
C PHE A 141 1.45 -9.02 -1.14
N THR A 142 0.22 -9.35 -1.55
CA THR A 142 -0.13 -10.74 -1.80
C THR A 142 0.15 -11.13 -3.24
N SER A 143 0.36 -12.42 -3.45
CA SER A 143 0.58 -13.01 -4.75
C SER A 143 -0.25 -14.28 -4.85
N PRO A 144 -0.46 -14.80 -6.07
CA PRO A 144 -1.07 -16.12 -6.18
C PRO A 144 -0.22 -17.17 -5.49
N ARG A 145 -0.87 -18.22 -4.99
CA ARG A 145 -0.18 -19.25 -4.23
C ARG A 145 1.00 -19.82 -5.01
N TRP A 146 0.77 -20.20 -6.27
CA TRP A 146 1.82 -20.82 -7.08
C TRP A 146 3.03 -19.90 -7.21
N PHE A 147 2.81 -18.58 -7.29
CA PHE A 147 3.92 -17.65 -7.44
C PHE A 147 4.81 -17.66 -6.20
N ALA A 148 4.21 -17.58 -5.02
CA ALA A 148 4.97 -17.71 -3.78
C ALA A 148 5.67 -19.07 -3.73
N ALA A 149 4.97 -20.13 -4.14
CA ALA A 149 5.53 -21.47 -4.06
C ALA A 149 6.74 -21.64 -4.97
N ALA A 150 6.80 -20.90 -6.07
CA ALA A 150 7.97 -20.92 -6.93
C ALA A 150 9.10 -20.05 -6.40
N GLY A 151 8.96 -19.49 -5.20
CA GLY A 151 9.97 -18.62 -4.64
C GLY A 151 9.69 -17.14 -4.78
N GLY A 152 8.56 -16.77 -5.40
CA GLY A 152 8.22 -15.37 -5.54
C GLY A 152 9.33 -14.56 -6.15
N PHE A 153 9.60 -13.39 -5.55
CA PHE A 153 10.66 -12.51 -6.00
C PHE A 153 12.00 -12.76 -5.32
N GLU A 154 12.12 -13.85 -4.56
CA GLU A 154 13.44 -14.24 -4.06
C GLU A 154 14.29 -14.89 -5.13
N THR A 155 13.71 -15.20 -6.29
CA THR A 155 14.43 -15.70 -7.44
C THR A 155 14.03 -14.89 -8.67
N ARG A 156 14.97 -14.71 -9.60
CA ARG A 156 14.69 -13.94 -10.79
C ARG A 156 13.62 -14.60 -11.66
N ASP A 157 13.38 -15.90 -11.47
CA ASP A 157 12.26 -16.58 -12.12
C ASP A 157 10.94 -15.89 -11.86
N GLY A 158 10.83 -15.10 -10.78
CA GLY A 158 9.62 -14.38 -10.49
C GLY A 158 9.37 -13.14 -11.33
N ILE A 159 10.40 -12.61 -11.99
CA ILE A 159 10.23 -11.40 -12.77
C ILE A 159 9.28 -11.65 -13.94
N GLU A 160 9.51 -12.74 -14.68
CA GLU A 160 8.74 -13.01 -15.89
C GLU A 160 7.24 -13.10 -15.65
N PRO A 161 6.72 -13.91 -14.70
CA PRO A 161 5.25 -13.94 -14.54
C PRO A 161 4.65 -12.58 -14.22
N PHE A 162 5.21 -11.86 -13.24
CA PHE A 162 4.66 -10.55 -12.89
C PHE A 162 4.53 -9.66 -14.12
N VAL A 163 5.64 -9.49 -14.86
CA VAL A 163 5.60 -8.69 -16.08
C VAL A 163 4.43 -9.12 -16.94
N ARG A 164 4.32 -10.42 -17.20
CA ARG A 164 3.23 -10.91 -18.03
C ARG A 164 1.87 -10.55 -17.43
N TYR A 165 1.71 -10.75 -16.12
CA TYR A 165 0.51 -10.28 -15.45
C TYR A 165 0.28 -8.79 -15.72
N ALA A 166 1.30 -7.98 -15.46
CA ALA A 166 1.17 -6.54 -15.69
C ALA A 166 0.78 -6.24 -17.12
N GLU A 167 1.21 -7.09 -18.06
CA GLU A 167 0.83 -6.86 -19.45
C GLU A 167 -0.64 -7.18 -19.67
N ILE A 168 -1.09 -8.34 -19.18
CA ILE A 168 -2.46 -8.78 -19.44
C ILE A 168 -3.45 -7.74 -18.95
N VAL A 169 -3.38 -7.40 -17.66
CA VAL A 169 -4.26 -6.37 -17.13
C VAL A 169 -4.14 -5.09 -17.95
N SER A 170 -2.91 -4.68 -18.27
CA SER A 170 -2.74 -3.46 -19.05
C SER A 170 -3.45 -3.55 -20.39
N ARG A 171 -3.37 -4.72 -21.04
CA ARG A 171 -4.09 -4.90 -22.30
C ARG A 171 -5.59 -4.74 -22.10
N HIS A 172 -6.13 -5.36 -21.04
CA HIS A 172 -7.57 -5.44 -20.89
C HIS A 172 -8.17 -4.22 -20.22
N LEU A 173 -7.44 -3.59 -19.30
CA LEU A 173 -7.97 -2.51 -18.48
C LEU A 173 -7.21 -1.20 -18.62
N GLY A 174 -6.07 -1.20 -19.32
CA GLY A 174 -5.18 -0.05 -19.29
C GLY A 174 -5.83 1.25 -19.71
N ASP A 175 -6.79 1.20 -20.64
CA ASP A 175 -7.40 2.43 -21.13
C ASP A 175 -8.20 3.15 -20.05
N LEU A 176 -8.54 2.47 -18.96
CA LEU A 176 -9.28 3.08 -17.88
C LEU A 176 -8.42 3.46 -16.68
N PHE A 177 -7.13 3.12 -16.70
CA PHE A 177 -6.24 3.48 -15.61
C PHE A 177 -6.06 4.99 -15.53
N GLY A 178 -6.11 5.53 -14.32
CA GLY A 178 -5.77 6.93 -14.12
C GLY A 178 -4.31 7.08 -13.73
N VAL A 179 -3.94 6.48 -12.60
CA VAL A 179 -2.56 6.40 -12.15
C VAL A 179 -2.29 4.96 -11.71
N VAL A 180 -1.10 4.45 -12.03
CA VAL A 180 -0.77 3.04 -11.82
C VAL A 180 0.47 2.93 -10.97
N ALA A 181 0.35 2.22 -9.85
CA ALA A 181 1.50 1.77 -9.07
C ALA A 181 1.67 0.27 -9.31
N THR A 182 2.87 -0.13 -9.73
CA THR A 182 3.15 -1.54 -9.94
C THR A 182 3.14 -2.31 -8.63
N PHE A 183 3.90 -1.84 -7.64
CA PHE A 183 4.05 -2.50 -6.36
C PHE A 183 3.72 -1.51 -5.25
N ASN A 184 2.94 -1.96 -4.27
CA ASN A 184 2.73 -1.19 -3.04
C ASN A 184 3.81 -1.57 -2.03
N GLU A 185 4.55 -0.57 -1.56
CA GLU A 185 5.55 -0.69 -0.50
C GLU A 185 6.40 -1.96 -0.60
N PRO A 186 7.05 -2.25 -1.72
CA PRO A 186 7.98 -3.39 -1.75
C PRO A 186 9.18 -3.18 -0.84
N ASN A 187 9.39 -1.97 -0.35
CA ASN A 187 10.51 -1.64 0.53
C ASN A 187 10.20 -1.86 2.01
N LEU A 188 9.01 -2.36 2.34
CA LEU A 188 8.59 -2.42 3.74
C LEU A 188 9.51 -3.33 4.56
N GLY A 189 9.93 -4.46 3.99
CA GLY A 189 10.78 -5.37 4.73
C GLY A 189 12.10 -4.73 5.15
N GLY A 190 12.73 -4.00 4.24
CA GLY A 190 13.98 -3.33 4.57
C GLY A 190 13.79 -2.21 5.57
N LEU A 191 12.70 -1.46 5.44
CA LEU A 191 12.43 -0.37 6.38
C LEU A 191 12.23 -0.90 7.79
N MET A 192 11.39 -1.94 7.93
CA MET A 192 11.10 -2.48 9.24
C MET A 192 12.21 -3.40 9.76
N SER A 193 13.17 -3.77 8.93
CA SER A 193 14.33 -4.50 9.44
C SER A 193 15.16 -3.68 10.42
N TRP A 194 14.95 -2.38 10.47
CA TRP A 194 15.62 -1.53 11.46
C TRP A 194 14.89 -1.45 12.78
N GLY A 195 13.64 -1.93 12.84
CA GLY A 195 12.92 -2.04 14.10
C GLY A 195 13.26 -3.31 14.86
N SER A 196 13.06 -3.25 16.18
CA SER A 196 13.34 -4.39 17.05
C SER A 196 12.32 -5.51 16.84
N LEU A 197 11.04 -5.14 16.69
CA LEU A 197 9.98 -6.12 16.47
C LEU A 197 10.35 -7.12 15.38
N SER A 198 10.86 -6.62 14.25
CA SER A 198 11.07 -7.51 13.10
C SER A 198 12.17 -8.52 13.38
N LYS A 199 13.20 -8.11 14.13
CA LYS A 199 14.24 -9.04 14.57
C LYS A 199 13.68 -10.07 15.54
N GLN A 200 12.76 -9.66 16.42
CA GLN A 200 12.21 -10.62 17.39
C GLN A 200 11.31 -11.64 16.71
N ILE A 201 10.41 -11.19 15.83
CA ILE A 201 9.44 -12.09 15.21
C ILE A 201 10.00 -12.86 14.02
N ARG A 202 11.11 -12.41 13.46
CA ARG A 202 11.64 -12.98 12.21
C ARG A 202 11.62 -14.51 12.17
N PRO A 203 12.15 -15.24 13.16
CA PRO A 203 12.12 -16.72 13.05
C PRO A 203 10.72 -17.30 13.04
N ILE A 204 9.76 -16.62 13.68
CA ILE A 204 8.38 -17.09 13.62
C ILE A 204 7.83 -16.92 12.21
N VAL A 205 8.16 -15.81 11.56
CA VAL A 205 7.73 -15.58 10.18
C VAL A 205 8.32 -16.64 9.26
N GLN A 206 9.62 -16.91 9.41
CA GLN A 206 10.24 -17.92 8.57
C GLN A 206 9.66 -19.30 8.86
N ALA A 207 9.26 -19.56 10.11
CA ALA A 207 8.66 -20.83 10.46
C ALA A 207 7.30 -20.99 9.79
N SER A 208 6.45 -19.98 9.87
CA SER A 208 5.16 -20.06 9.20
C SER A 208 5.33 -20.14 7.70
N ARG A 209 6.38 -19.52 7.16
CA ARG A 209 6.71 -19.70 5.74
C ARG A 209 6.99 -21.16 5.44
N ALA A 210 7.82 -21.81 6.27
CA ALA A 210 8.15 -23.22 6.05
C ALA A 210 6.90 -24.11 6.17
N SER A 211 6.03 -23.80 7.13
CA SER A 211 4.80 -24.57 7.29
C SER A 211 3.90 -24.41 6.07
N ALA A 212 3.78 -23.19 5.55
CA ALA A 212 3.02 -22.97 4.33
C ALA A 212 3.60 -23.74 3.16
N ALA A 213 4.94 -23.71 3.03
CA ALA A 213 5.62 -24.46 1.99
C ALA A 213 5.27 -25.95 2.06
N ARG A 214 5.30 -26.52 3.25
CA ARG A 214 4.85 -27.91 3.41
C ARG A 214 3.39 -28.06 2.99
N ALA A 215 2.53 -27.16 3.48
CA ALA A 215 1.10 -27.23 3.19
C ALA A 215 0.82 -27.28 1.69
N VAL A 216 1.66 -26.63 0.87
CA VAL A 216 1.46 -26.65 -0.58
C VAL A 216 2.46 -27.56 -1.28
N ASN A 217 3.17 -28.41 -0.53
CA ASN A 217 4.05 -29.44 -1.11
C ASN A 217 5.19 -28.82 -1.92
N SER A 218 5.85 -27.82 -1.33
CA SER A 218 6.88 -27.07 -2.03
C SER A 218 8.07 -26.84 -1.10
N ASP A 219 9.24 -26.69 -1.71
N ASP A 219 9.25 -26.69 -1.70
CA ASP A 219 10.46 -26.33 -1.00
CA ASP A 219 10.43 -26.32 -0.93
C ASP A 219 10.54 -24.83 -0.71
C ASP A 219 10.49 -24.82 -0.64
N LYS A 220 9.63 -24.02 -1.27
CA LYS A 220 9.64 -22.58 -1.09
C LYS A 220 8.23 -22.07 -0.93
N PHE A 221 8.07 -21.08 -0.06
CA PHE A 221 6.84 -20.28 -0.03
C PHE A 221 7.27 -18.87 0.39
N ALA A 222 7.28 -17.95 -0.56
CA ALA A 222 7.89 -16.63 -0.38
C ALA A 222 6.91 -15.54 -0.78
N PRO A 223 5.91 -15.25 0.05
CA PRO A 223 5.10 -14.05 -0.18
C PRO A 223 5.99 -12.83 -0.08
N LEU A 224 5.74 -11.85 -0.97
CA LEU A 224 6.60 -10.67 -1.05
C LEU A 224 6.81 -10.05 0.33
N VAL A 225 5.71 -9.78 1.04
CA VAL A 225 5.79 -9.13 2.35
C VAL A 225 6.49 -9.98 3.40
N LEU A 226 6.65 -11.28 3.16
CA LEU A 226 7.40 -12.14 4.06
C LEU A 226 8.79 -12.50 3.53
N GLY A 227 9.14 -12.07 2.32
CA GLY A 227 10.44 -12.37 1.77
C GLY A 227 11.55 -11.53 2.37
N ASP A 228 12.78 -11.92 2.04
CA ASP A 228 13.98 -11.24 2.52
C ASP A 228 14.29 -10.07 1.58
N PHE A 229 14.24 -8.85 2.13
CA PHE A 229 14.39 -7.67 1.29
C PHE A 229 15.76 -7.59 0.65
N ARG A 230 16.79 -8.11 1.32
CA ARG A 230 18.14 -8.07 0.76
C ARG A 230 18.20 -8.84 -0.54
N ILE A 231 17.49 -9.97 -0.63
CA ILE A 231 17.45 -10.73 -1.88
C ILE A 231 16.47 -10.09 -2.85
N GLN A 232 15.30 -9.67 -2.38
CA GLN A 232 14.20 -9.31 -3.27
C GLN A 232 14.37 -7.94 -3.91
N THR A 233 15.00 -6.99 -3.22
CA THR A 233 15.01 -5.59 -3.64
C THR A 233 15.45 -5.43 -5.09
N PRO A 234 16.63 -5.91 -5.50
CA PRO A 234 17.00 -5.72 -6.91
C PRO A 234 16.11 -6.49 -7.88
N ILE A 235 15.67 -7.69 -7.49
CA ILE A 235 14.80 -8.48 -8.36
C ILE A 235 13.46 -7.78 -8.56
N ILE A 236 12.88 -7.28 -7.47
CA ILE A 236 11.61 -6.56 -7.57
C ILE A 236 11.79 -5.28 -8.38
N ILE A 237 12.89 -4.56 -8.17
CA ILE A 237 13.13 -3.35 -8.95
C ILE A 237 13.18 -3.67 -10.43
N GLU A 238 13.89 -4.75 -10.79
CA GLU A 238 13.95 -5.16 -12.19
C GLU A 238 12.55 -5.45 -12.75
N ALA A 239 11.77 -6.24 -12.01
CA ALA A 239 10.39 -6.51 -12.41
C ALA A 239 9.58 -5.24 -12.58
N HIS A 240 9.82 -4.23 -11.71
CA HIS A 240 9.10 -2.98 -11.80
C HIS A 240 9.46 -2.20 -13.05
N GLU A 241 10.75 -2.15 -13.39
CA GLU A 241 11.14 -1.40 -14.58
C GLU A 241 10.63 -2.08 -15.85
N ARG A 242 10.65 -3.42 -15.88
CA ARG A 242 10.10 -4.13 -17.04
C ARG A 242 8.59 -3.93 -17.15
N ALA A 243 7.86 -4.22 -16.08
CA ALA A 243 6.43 -3.95 -16.07
C ALA A 243 6.15 -2.50 -16.42
N TYR A 244 7.03 -1.59 -16.00
CA TYR A 244 6.88 -0.18 -16.34
C TYR A 244 6.89 0.02 -17.85
N ASP A 245 7.93 -0.49 -18.53
CA ASP A 245 7.96 -0.39 -19.99
C ASP A 245 6.72 -1.00 -20.62
N VAL A 246 6.30 -2.18 -20.14
CA VAL A 246 5.16 -2.85 -20.75
C VAL A 246 3.88 -2.04 -20.58
N ILE A 247 3.69 -1.45 -19.39
CA ILE A 247 2.47 -0.70 -19.09
C ILE A 247 2.45 0.61 -19.88
N ARG A 248 3.58 1.34 -19.87
CA ARG A 248 3.69 2.53 -20.71
C ARG A 248 3.35 2.20 -22.16
N ARG A 249 3.84 1.06 -22.65
CA ARG A 249 3.53 0.65 -24.02
C ARG A 249 2.03 0.44 -24.21
N GLU A 250 1.40 -0.30 -23.29
CA GLU A 250 0.01 -0.67 -23.48
C GLU A 250 -0.95 0.48 -23.22
N THR A 251 -0.51 1.55 -22.55
CA THR A 251 -1.35 2.73 -22.33
C THR A 251 -0.87 3.92 -23.14
N GLY A 252 -0.14 3.69 -24.23
CA GLY A 252 0.30 4.76 -25.11
C GLY A 252 1.03 5.90 -24.43
N GLY A 253 1.70 5.62 -23.32
CA GLY A 253 2.44 6.62 -22.58
C GLY A 253 1.64 7.73 -21.96
N ARG A 254 0.32 7.60 -21.91
CA ARG A 254 -0.54 8.65 -21.38
C ARG A 254 -0.89 8.47 -19.91
N THR A 255 -0.44 7.39 -19.28
CA THR A 255 -0.78 7.09 -17.90
C THR A 255 0.47 7.07 -17.03
N PRO A 256 0.51 7.85 -15.95
CA PRO A 256 1.68 7.78 -15.06
C PRO A 256 1.79 6.40 -14.41
N VAL A 257 2.99 5.83 -14.48
CA VAL A 257 3.28 4.53 -13.91
C VAL A 257 4.45 4.67 -12.96
N GLY A 258 4.33 4.06 -11.79
CA GLY A 258 5.38 4.12 -10.81
C GLY A 258 5.20 3.07 -9.75
N LEU A 259 5.78 3.32 -8.59
CA LEU A 259 5.61 2.47 -7.42
C LEU A 259 5.40 3.35 -6.21
N THR A 260 4.91 2.73 -5.14
CA THR A 260 4.79 3.38 -3.84
C THR A 260 5.76 2.73 -2.86
N ILE A 261 6.25 3.53 -1.92
CA ILE A 261 7.14 3.04 -0.89
C ILE A 261 6.72 3.63 0.45
N ALA A 262 6.92 2.85 1.52
CA ALA A 262 6.74 3.34 2.86
C ALA A 262 7.93 4.24 3.21
N VAL A 263 7.63 5.45 3.70
CA VAL A 263 8.66 6.42 4.05
C VAL A 263 8.34 6.98 5.43
N ASN A 264 9.28 6.82 6.36
CA ASN A 264 9.18 7.51 7.62
C ASN A 264 9.73 8.93 7.49
N ASP A 265 9.36 9.77 8.45
CA ASP A 265 10.19 10.93 8.76
C ASP A 265 11.35 10.40 9.61
N GLU A 266 12.45 10.10 8.93
CA GLU A 266 13.61 9.55 9.62
C GLU A 266 14.41 10.68 10.28
N ARG A 267 14.66 10.53 11.57
CA ARG A 267 15.35 11.54 12.35
C ARG A 267 16.51 10.89 13.08
N ALA A 268 17.63 11.59 13.16
CA ALA A 268 18.78 11.10 13.90
C ALA A 268 18.44 11.02 15.38
N GLY A 269 18.56 9.82 15.95
CA GLY A 269 18.24 9.59 17.35
C GLY A 269 19.47 9.57 18.23
N THR A 270 20.63 9.34 17.64
CA THR A 270 21.94 9.48 18.27
C THR A 270 22.88 10.09 17.24
N PRO A 271 23.92 10.80 17.69
CA PRO A 271 24.75 11.56 16.73
C PRO A 271 25.34 10.69 15.63
N ASP A 272 25.63 9.42 15.90
CA ASP A 272 26.17 8.49 14.92
C ASP A 272 25.06 7.67 14.28
N ALA A 273 23.96 8.31 13.91
CA ALA A 273 22.82 7.59 13.35
C ALA A 273 23.18 6.95 12.02
N GLY A 274 22.66 5.75 11.78
CA GLY A 274 22.94 5.04 10.55
C GLY A 274 22.00 5.41 9.43
N LEU A 275 21.75 6.71 9.26
CA LEU A 275 20.78 7.17 8.28
C LEU A 275 21.17 6.74 6.86
N ASP A 276 22.42 6.98 6.47
CA ASP A 276 22.89 6.56 5.15
C ASP A 276 22.58 5.09 4.90
N ALA A 277 22.97 4.23 5.84
CA ALA A 277 22.76 2.80 5.69
C ALA A 277 21.28 2.45 5.62
N LYS A 278 20.47 3.05 6.48
CA LYS A 278 19.03 2.74 6.46
C LYS A 278 18.39 3.16 5.15
N LEU A 279 18.83 4.29 4.59
CA LEU A 279 18.28 4.74 3.32
C LEU A 279 18.70 3.84 2.17
N GLU A 280 19.95 3.37 2.17
CA GLU A 280 20.34 2.39 1.15
C GLU A 280 19.56 1.09 1.32
N ASP A 281 19.26 0.71 2.57
CA ASP A 281 18.51 -0.51 2.81
C ASP A 281 17.07 -0.40 2.31
N ALA A 282 16.45 0.77 2.52
CA ALA A 282 14.99 0.85 2.50
C ALA A 282 14.39 1.86 1.54
N VAL A 283 15.16 2.82 1.02
CA VAL A 283 14.54 3.93 0.28
C VAL A 283 15.23 4.18 -1.06
N LEU A 284 16.54 4.41 -1.02
CA LEU A 284 17.25 4.95 -2.18
C LEU A 284 17.15 4.07 -3.43
N PRO A 285 17.33 2.74 -3.37
CA PRO A 285 17.17 1.96 -4.61
C PRO A 285 15.80 2.11 -5.24
N TRP A 286 14.75 2.20 -4.43
CA TRP A 286 13.40 2.33 -4.96
C TRP A 286 13.18 3.71 -5.58
N VAL A 287 13.66 4.75 -4.91
CA VAL A 287 13.52 6.10 -5.43
C VAL A 287 14.31 6.28 -6.72
N ARG A 288 15.45 5.60 -6.84
CA ARG A 288 16.31 5.74 -8.01
C ARG A 288 15.88 4.87 -9.19
N ALA A 289 14.95 3.95 -9.01
CA ALA A 289 14.46 3.14 -10.11
C ALA A 289 13.70 3.99 -11.11
N ARG A 290 13.56 3.46 -12.33
CA ARG A 290 12.83 4.17 -13.38
C ARG A 290 11.35 4.21 -13.04
N GLY A 291 10.71 5.32 -13.38
CA GLY A 291 9.30 5.50 -13.08
C GLY A 291 8.83 6.93 -13.25
N ASP A 292 7.51 7.11 -13.36
CA ASP A 292 6.95 8.44 -13.57
C ASP A 292 6.71 9.20 -12.27
N PHE A 293 6.65 8.51 -11.13
CA PHE A 293 6.44 9.17 -9.85
C PHE A 293 6.87 8.24 -8.74
N ILE A 294 6.93 8.78 -7.52
CA ILE A 294 7.10 8.00 -6.31
C ILE A 294 5.86 8.21 -5.45
N GLY A 295 5.17 7.13 -5.14
CA GLY A 295 4.07 7.20 -4.20
C GLY A 295 4.58 7.17 -2.77
N VAL A 296 4.42 8.26 -2.05
CA VAL A 296 4.93 8.37 -0.68
C VAL A 296 3.82 7.94 0.27
N GLN A 297 4.15 6.99 1.15
CA GLN A 297 3.20 6.45 2.12
C GLN A 297 3.81 6.59 3.50
N ASN A 298 3.33 7.56 4.26
CA ASN A 298 3.94 7.91 5.54
C ASN A 298 2.89 7.96 6.64
N TYR A 299 3.29 7.56 7.83
CA TYR A 299 2.41 7.60 8.99
C TYR A 299 3.04 8.27 10.20
N THR A 300 4.35 8.14 10.39
CA THR A 300 4.98 8.59 11.62
C THR A 300 6.46 8.87 11.35
N TYR A 301 7.20 9.14 12.41
CA TYR A 301 8.64 9.35 12.37
C TYR A 301 9.35 8.17 13.02
N ALA A 302 10.65 8.05 12.70
CA ALA A 302 11.49 7.04 13.33
C ALA A 302 12.74 7.71 13.88
N LEU A 303 13.15 7.29 15.08
CA LEU A 303 14.38 7.75 15.69
C LEU A 303 15.46 6.70 15.42
N VAL A 304 16.41 7.04 14.57
CA VAL A 304 17.36 6.08 14.02
C VAL A 304 18.64 6.13 14.84
N GLY A 305 19.02 4.99 15.40
CA GLY A 305 20.29 4.84 16.07
C GLY A 305 21.40 4.51 15.09
N LYS A 306 22.46 3.92 15.64
CA LYS A 306 23.63 3.62 14.80
C LYS A 306 23.35 2.45 13.86
N ASP A 307 22.79 1.36 14.38
CA ASP A 307 22.52 0.17 13.59
C ASP A 307 21.06 -0.24 13.57
N ALA A 308 20.20 0.36 14.39
CA ALA A 308 18.79 0.03 14.42
C ALA A 308 18.03 1.27 14.89
N ASP A 309 16.70 1.21 14.73
CA ASP A 309 15.87 2.29 15.23
C ASP A 309 15.88 2.30 16.76
N LEU A 310 15.57 3.47 17.32
CA LEU A 310 15.44 3.61 18.76
C LEU A 310 14.00 3.38 19.20
N PRO A 311 13.80 3.01 20.47
CA PRO A 311 12.43 2.91 21.00
C PRO A 311 11.70 4.26 20.92
N ASN A 312 10.37 4.18 21.01
CA ASN A 312 9.53 5.37 20.98
C ASN A 312 9.90 6.30 22.14
N PRO A 313 10.01 7.60 21.90
CA PRO A 313 10.12 8.54 23.01
C PRO A 313 8.83 8.50 23.82
N GLU A 314 8.91 8.17 25.11
CA GLU A 314 7.67 8.11 25.87
C GLU A 314 7.33 9.55 26.33
N GLY A 315 6.15 9.72 26.90
CA GLY A 315 5.42 10.98 26.92
C GLY A 315 4.48 11.16 25.74
N VAL A 316 4.64 10.39 24.68
CA VAL A 316 4.11 10.73 23.36
C VAL A 316 2.94 9.82 23.00
N GLU A 317 1.95 10.43 22.36
CA GLU A 317 0.74 9.74 21.97
C GLU A 317 1.04 8.74 20.86
N LEU A 318 0.50 7.55 21.00
CA LEU A 318 0.65 6.48 20.04
C LEU A 318 -0.68 6.22 19.36
N THR A 319 -0.61 5.56 18.21
CA THR A 319 -1.78 5.02 17.56
C THR A 319 -1.93 3.55 17.94
N GLN A 320 -2.96 2.90 17.40
CA GLN A 320 -3.13 1.47 17.62
C GLN A 320 -1.95 0.67 17.08
N MET A 321 -1.27 1.19 16.07
CA MET A 321 -0.11 0.51 15.54
C MET A 321 1.12 0.65 16.43
N ASN A 322 0.98 1.33 17.57
CA ASN A 322 2.02 1.45 18.59
C ASN A 322 3.26 2.20 18.09
N TYR A 323 3.05 3.21 17.26
CA TYR A 323 4.07 4.20 16.92
C TYR A 323 3.47 5.58 17.09
N PRO A 324 4.29 6.62 17.17
CA PRO A 324 3.76 7.93 17.59
C PRO A 324 2.71 8.50 16.65
N PHE A 325 1.71 9.16 17.26
CA PHE A 325 0.79 10.04 16.55
C PHE A 325 1.58 11.24 16.03
N ALA A 326 1.60 11.43 14.71
CA ALA A 326 2.50 12.43 14.15
C ALA A 326 2.16 12.81 12.72
N PRO A 327 1.08 13.57 12.49
CA PRO A 327 0.77 14.00 11.12
C PRO A 327 1.89 14.81 10.47
N GLU A 328 2.58 15.66 11.26
CA GLU A 328 3.66 16.48 10.70
C GLU A 328 4.75 15.63 10.06
N ALA A 329 4.90 14.38 10.52
CA ALA A 329 5.89 13.48 9.93
C ALA A 329 5.76 13.44 8.41
N LEU A 330 4.53 13.55 7.89
CA LEU A 330 4.33 13.52 6.45
C LEU A 330 5.28 14.47 5.74
N GLU A 331 5.32 15.72 6.19
CA GLU A 331 6.22 16.70 5.57
C GLU A 331 7.63 16.15 5.48
N GLY A 332 8.18 15.73 6.63
CA GLY A 332 9.52 15.16 6.62
C GLY A 332 9.67 14.10 5.56
N ALA A 333 8.76 13.11 5.57
CA ALA A 333 8.80 12.04 4.59
C ALA A 333 8.90 12.61 3.19
N ILE A 334 7.98 13.50 2.82
CA ILE A 334 8.01 14.08 1.50
C ILE A 334 9.36 14.73 1.24
N ARG A 335 9.80 15.60 2.16
CA ARG A 335 11.09 16.25 2.01
C ARG A 335 12.19 15.22 1.79
N LEU A 336 12.18 14.16 2.60
CA LEU A 336 13.20 13.12 2.46
C LEU A 336 13.27 12.65 1.00
N VAL A 337 12.12 12.26 0.45
CA VAL A 337 12.09 11.74 -0.92
C VAL A 337 12.60 12.81 -1.88
N ALA A 338 12.17 14.07 -1.69
CA ALA A 338 12.57 15.11 -2.62
C ALA A 338 14.07 15.38 -2.57
N ARG A 339 14.74 15.00 -1.49
CA ARG A 339 16.19 15.18 -1.44
C ARG A 339 16.93 14.24 -2.38
N HIS A 340 16.25 13.23 -2.93
CA HIS A 340 16.93 12.18 -3.67
C HIS A 340 16.29 11.85 -5.02
N THR A 341 15.32 12.66 -5.48
CA THR A 341 14.72 12.44 -6.78
C THR A 341 14.03 13.71 -7.24
N ASP A 342 13.87 13.83 -8.55
CA ASP A 342 13.09 14.89 -9.16
C ASP A 342 11.70 14.42 -9.59
N LYS A 343 11.40 13.12 -9.42
CA LYS A 343 10.12 12.59 -9.83
C LYS A 343 8.98 13.30 -9.10
N PRO A 344 7.83 13.47 -9.74
CA PRO A 344 6.65 13.93 -9.02
C PRO A 344 6.31 12.98 -7.89
N ILE A 345 5.72 13.53 -6.83
CA ILE A 345 5.35 12.76 -5.65
C ILE A 345 3.84 12.73 -5.53
N TYR A 346 3.30 11.54 -5.26
CA TYR A 346 1.92 11.37 -4.82
C TYR A 346 1.93 10.84 -3.39
N VAL A 347 1.07 11.40 -2.54
CA VAL A 347 0.82 10.80 -1.24
C VAL A 347 -0.21 9.70 -1.46
N THR A 348 0.26 8.46 -1.60
CA THR A 348 -0.63 7.34 -1.88
C THR A 348 -1.17 6.66 -0.63
N GLU A 349 -0.61 6.98 0.54
CA GLU A 349 -1.15 6.53 1.81
C GLU A 349 -0.78 7.52 2.91
N ASN A 350 -1.78 7.88 3.72
CA ASN A 350 -1.56 8.68 4.93
C ASN A 350 -2.80 8.56 5.80
N GLY A 351 -2.61 8.19 7.05
CA GLY A 351 -3.75 8.00 7.93
C GLY A 351 -3.29 7.66 9.34
N VAL A 352 -4.27 7.32 10.18
CA VAL A 352 -4.02 7.04 11.59
C VAL A 352 -4.96 5.92 12.04
N ALA A 353 -4.39 4.92 12.73
CA ALA A 353 -5.16 3.82 13.30
C ALA A 353 -5.58 4.22 14.71
N THR A 354 -6.86 4.53 14.87
CA THR A 354 -7.39 4.91 16.16
C THR A 354 -8.87 4.57 16.21
N GLU A 355 -9.34 4.19 17.40
CA GLU A 355 -10.76 3.99 17.63
C GLU A 355 -11.52 5.30 17.84
N ASP A 356 -10.81 6.43 17.98
CA ASP A 356 -11.40 7.74 18.26
C ASP A 356 -11.25 8.61 17.00
N ASP A 357 -12.37 8.87 16.31
CA ASP A 357 -12.30 9.56 15.02
C ASP A 357 -11.93 11.03 15.16
N ALA A 358 -12.25 11.67 16.29
CA ALA A 358 -11.82 13.05 16.52
C ALA A 358 -10.31 13.19 16.37
N ARG A 359 -9.56 12.20 16.86
CA ARG A 359 -8.12 12.20 16.70
C ARG A 359 -7.73 12.13 15.22
N ARG A 360 -8.50 11.40 14.42
CA ARG A 360 -8.22 11.37 12.98
C ARG A 360 -8.53 12.71 12.34
N VAL A 361 -9.56 13.41 12.83
CA VAL A 361 -9.85 14.75 12.33
C VAL A 361 -8.68 15.69 12.59
N ALA A 362 -8.15 15.67 13.82
CA ALA A 362 -6.98 16.50 14.13
C ALA A 362 -5.78 16.09 13.28
N PHE A 363 -5.50 14.78 13.21
CA PHE A 363 -4.41 14.25 12.37
C PHE A 363 -4.52 14.76 10.94
N ILE A 364 -5.72 14.76 10.37
CA ILE A 364 -5.91 15.20 8.98
C ILE A 364 -5.73 16.72 8.85
N ASP A 365 -6.29 17.47 9.80
CA ASP A 365 -6.14 18.92 9.79
C ASP A 365 -4.69 19.32 9.93
N ARG A 366 -3.84 18.45 10.46
CA ARG A 366 -2.42 18.76 10.49
C ARG A 366 -1.64 18.15 9.33
N ALA A 367 -2.17 17.09 8.71
CA ALA A 367 -1.45 16.38 7.66
C ALA A 367 -1.56 17.09 6.33
N VAL A 368 -2.75 17.59 5.98
CA VAL A 368 -2.91 18.31 4.72
C VAL A 368 -2.03 19.55 4.67
N PRO A 369 -1.98 20.43 5.68
CA PRO A 369 -1.06 21.57 5.62
C PRO A 369 0.40 21.20 5.49
N ALA A 370 0.81 20.02 5.95
CA ALA A 370 2.20 19.59 5.74
C ALA A 370 2.50 19.43 4.25
N VAL A 371 1.64 18.70 3.54
CA VAL A 371 1.72 18.62 2.08
C VAL A 371 1.81 20.02 1.50
N PHE A 372 0.92 20.92 1.95
CA PHE A 372 0.90 22.27 1.40
C PHE A 372 2.24 22.98 1.60
N ALA A 373 2.86 22.80 2.77
CA ALA A 373 4.18 23.39 3.00
C ALA A 373 5.19 22.86 1.99
N CYS A 374 5.23 21.53 1.80
CA CYS A 374 6.15 20.95 0.84
C CYS A 374 5.94 21.55 -0.55
N MET A 375 4.69 21.71 -0.97
CA MET A 375 4.44 22.28 -2.29
C MET A 375 4.84 23.75 -2.35
N ARG A 376 4.74 24.48 -1.23
CA ARG A 376 5.17 25.87 -1.23
C ARG A 376 6.68 25.99 -1.39
N ASP A 377 7.43 24.98 -0.96
CA ASP A 377 8.86 24.98 -1.23
C ASP A 377 9.21 24.39 -2.60
N GLY A 378 8.24 24.27 -3.50
CA GLY A 378 8.49 23.83 -4.85
C GLY A 378 8.51 22.33 -5.07
N ILE A 379 8.28 21.53 -4.02
CA ILE A 379 8.22 20.08 -4.19
C ILE A 379 6.95 19.73 -4.95
N ASP A 380 7.09 18.88 -5.97
CA ASP A 380 6.01 18.55 -6.90
C ASP A 380 5.19 17.41 -6.30
N VAL A 381 4.19 17.76 -5.49
CA VAL A 381 3.22 16.81 -4.97
C VAL A 381 1.95 16.93 -5.80
N ARG A 382 1.40 15.79 -6.24
CA ARG A 382 0.31 15.79 -7.19
C ARG A 382 -0.98 15.17 -6.66
N GLY A 383 -0.99 14.70 -5.41
CA GLY A 383 -2.20 14.13 -4.86
C GLY A 383 -2.02 13.80 -3.39
N TYR A 384 -3.15 13.68 -2.70
CA TYR A 384 -3.19 13.23 -1.32
C TYR A 384 -4.27 12.17 -1.20
N ILE A 385 -3.86 10.93 -0.94
CA ILE A 385 -4.79 9.79 -0.85
C ILE A 385 -4.72 9.25 0.58
N HIS A 386 -5.86 9.20 1.24
CA HIS A 386 -5.93 8.87 2.66
C HIS A 386 -6.13 7.37 2.85
N TRP A 387 -5.35 6.79 3.74
CA TRP A 387 -5.59 5.42 4.18
C TRP A 387 -6.29 5.45 5.53
N SER A 388 -7.50 4.89 5.58
CA SER A 388 -8.11 4.20 4.47
C SER A 388 -9.56 4.65 4.30
N PHE A 389 -10.22 4.24 3.23
CA PHE A 389 -11.65 4.52 3.12
C PHE A 389 -12.41 3.77 4.21
N LEU A 390 -12.19 2.46 4.31
CA LEU A 390 -12.89 1.63 5.26
C LEU A 390 -11.94 1.05 6.30
N ASP A 391 -12.45 0.90 7.53
CA ASP A 391 -11.88 -0.03 8.48
C ASP A 391 -11.77 -1.39 7.81
N ASN A 392 -10.59 -1.99 7.83
CA ASN A 392 -10.40 -3.24 7.12
C ASN A 392 -9.42 -4.12 7.90
N TRP A 393 -8.95 -5.16 7.24
CA TRP A 393 -8.08 -6.17 7.86
C TRP A 393 -6.64 -5.71 7.74
N GLU A 394 -6.05 -5.31 8.87
CA GLU A 394 -4.69 -4.77 8.90
C GLU A 394 -3.70 -5.90 9.16
N TRP A 395 -3.59 -6.77 8.15
CA TRP A 395 -2.64 -7.88 8.09
C TRP A 395 -2.49 -8.60 9.42
N PHE A 396 -1.29 -8.57 10.01
CA PHE A 396 -1.02 -9.35 11.20
C PHE A 396 -1.85 -8.89 12.39
N ALA A 397 -2.22 -7.61 12.44
CA ALA A 397 -2.97 -7.10 13.57
C ALA A 397 -4.47 -7.38 13.45
N GLY A 398 -4.95 -7.80 12.29
CA GLY A 398 -6.34 -8.16 12.15
C GLY A 398 -7.25 -6.94 12.02
N PHE A 399 -8.49 -7.11 12.48
CA PHE A 399 -9.48 -6.05 12.39
C PHE A 399 -9.39 -5.04 13.52
N GLY A 400 -8.55 -5.29 14.52
CA GLY A 400 -8.33 -4.36 15.61
C GLY A 400 -8.06 -2.94 15.17
N PRO A 401 -6.96 -2.72 14.44
CA PRO A 401 -6.63 -1.35 14.02
C PRO A 401 -7.69 -0.76 13.11
N LYS A 402 -8.13 0.44 13.44
CA LYS A 402 -9.18 1.15 12.72
C LYS A 402 -8.57 2.32 11.98
N PHE A 403 -8.31 2.14 10.68
CA PHE A 403 -7.71 3.17 9.83
C PHE A 403 -8.73 3.95 9.02
N GLY A 404 -9.99 3.55 9.01
CA GLY A 404 -10.91 4.00 8.00
C GLY A 404 -11.58 5.32 8.31
N LEU A 405 -12.07 5.95 7.24
CA LEU A 405 -13.04 7.02 7.33
C LEU A 405 -14.45 6.49 7.45
N VAL A 406 -14.64 5.21 7.17
CA VAL A 406 -15.95 4.57 7.16
C VAL A 406 -15.85 3.29 7.99
N ALA A 407 -16.74 3.15 8.97
CA ALA A 407 -16.83 1.94 9.78
C ALA A 407 -17.69 0.90 9.06
N VAL A 408 -17.48 -0.37 9.44
CA VAL A 408 -18.19 -1.48 8.83
C VAL A 408 -18.60 -2.46 9.92
N ASP A 409 -19.90 -2.73 10.02
CA ASP A 409 -20.38 -3.84 10.82
C ASP A 409 -20.08 -5.13 10.07
N ARG A 410 -19.27 -6.00 10.65
CA ARG A 410 -18.77 -7.15 9.91
C ARG A 410 -19.70 -8.36 9.98
N THR A 411 -20.90 -8.19 10.54
CA THR A 411 -21.96 -9.19 10.39
C THR A 411 -22.87 -8.85 9.22
N THR A 412 -23.25 -7.58 9.08
CA THR A 412 -24.08 -7.13 7.98
C THR A 412 -23.27 -6.52 6.84
N PHE A 413 -22.05 -6.06 7.10
CA PHE A 413 -21.21 -5.33 6.16
C PHE A 413 -21.79 -3.97 5.79
N GLU A 414 -22.65 -3.45 6.66
CA GLU A 414 -23.15 -2.09 6.50
C GLU A 414 -22.03 -1.09 6.77
N ARG A 415 -22.02 -0.01 5.99
CA ARG A 415 -21.04 1.05 6.15
C ARG A 415 -21.66 2.22 6.90
N THR A 416 -20.88 2.79 7.82
CA THR A 416 -21.26 4.00 8.55
C THR A 416 -20.11 4.99 8.46
N PRO A 417 -20.19 6.01 7.62
CA PRO A 417 -19.14 7.03 7.58
C PRO A 417 -18.91 7.66 8.93
N LYS A 418 -17.63 7.78 9.30
CA LYS A 418 -17.25 8.56 10.46
C LYS A 418 -17.26 10.04 10.11
N PRO A 419 -17.26 10.93 11.11
CA PRO A 419 -17.18 12.36 10.79
C PRO A 419 -16.01 12.74 9.90
N SER A 420 -14.88 12.05 10.05
CA SER A 420 -13.69 12.35 9.26
C SER A 420 -13.95 12.17 7.76
N ALA A 421 -14.88 11.29 7.39
CA ALA A 421 -15.17 11.07 5.98
C ALA A 421 -15.65 12.36 5.31
N ALA A 422 -16.77 12.91 5.80
CA ALA A 422 -17.26 14.17 5.26
C ALA A 422 -16.29 15.32 5.52
N HIS A 423 -15.55 15.26 6.63
CA HIS A 423 -14.56 16.29 6.91
C HIS A 423 -13.52 16.38 5.80
N LEU A 424 -12.78 15.28 5.59
CA LEU A 424 -11.81 15.22 4.51
C LEU A 424 -12.47 15.50 3.15
N GLY A 425 -13.73 15.11 2.99
CA GLY A 425 -14.45 15.50 1.78
C GLY A 425 -14.48 17.01 1.59
N ARG A 426 -14.80 17.75 2.66
CA ARG A 426 -14.82 19.20 2.56
C ARG A 426 -13.43 19.77 2.33
N LEU A 427 -12.41 19.15 2.92
CA LEU A 427 -11.03 19.57 2.60
C LEU A 427 -10.71 19.33 1.13
N ALA A 428 -11.26 18.26 0.55
CA ALA A 428 -11.04 17.98 -0.87
C ALA A 428 -11.74 19.01 -1.75
N ARG A 429 -12.93 19.45 -1.34
CA ARG A 429 -13.63 20.47 -2.12
C ARG A 429 -12.94 21.82 -2.00
N ALA A 430 -12.48 22.17 -0.79
CA ALA A 430 -11.70 23.40 -0.63
C ALA A 430 -10.49 23.41 -1.55
N GLY A 431 -9.78 22.28 -1.62
CA GLY A 431 -8.73 22.11 -2.60
C GLY A 431 -7.46 22.84 -2.25
N LEU A 432 -6.68 23.15 -3.27
CA LEU A 432 -5.40 23.80 -3.06
C LEU A 432 -5.58 25.27 -2.66
N PRO A 433 -4.73 25.78 -1.78
CA PRO A 433 -4.76 27.23 -1.47
C PRO A 433 -4.40 28.09 -2.66
N GLY A 434 -4.62 29.40 -2.49
CA GLY A 434 -4.34 30.34 -3.57
C GLY A 434 -2.90 30.36 -4.02
N ASP A 435 -1.96 30.16 -3.08
CA ASP A 435 -0.55 30.09 -3.43
C ASP A 435 -0.31 29.11 -4.56
N LEU A 436 -0.92 27.94 -4.48
CA LEU A 436 -0.55 26.80 -5.31
C LEU A 436 -1.39 26.75 -6.57
#